data_6SLG
#
_entry.id   6SLG
#
_cell.length_a   48.720
_cell.length_b   70.510
_cell.length_c   60.420
_cell.angle_alpha   90.000
_cell.angle_beta   109.910
_cell.angle_gamma   90.000
#
_symmetry.space_group_name_H-M   'P 1 21 1'
#
loop_
_entity.id
_entity.type
_entity.pdbx_description
1 polymer 'Mitogen-activated protein kinase 1'
2 polymer ERK-tide
3 non-polymer (6~{R})-7-[[3,4-bis(fluoranyl)phenyl]methyl]-6-(methoxymethyl)-2-[5-methyl-2-[(2-methylpyrazol-3-yl)amino]pyrimidin-4-yl]-5,6-dihydroimidazo[1,2-a]pyrazin-8-one
4 non-polymer 'SULFATE ION'
5 non-polymer 1,2-ETHANEDIOL
6 water water
#
loop_
_entity_poly.entity_id
_entity_poly.type
_entity_poly.pdbx_seq_one_letter_code
_entity_poly.pdbx_strand_id
1 'polypeptide(L)'
;MHHHHHHGGGENLYFQGSHMAAAAAAGAGPEMVRGQVFDVGPRYTNLSYIGEGAYGMVCSAYDNLNKVRVAIKKISPFEH
QTYCQRTLREIKILLRFRHENIIGINDIIRAPTIEQMKDVYIVQDLMETDLYKLLKTQHLSNDHICYFLYQILRGLKYIH
SANVLHRDLKPSNLLLNTTCDLKICDFGLARVADPDHDHTGFLTEYVATRWYRAPEIMLNSKGYTKSIDIWSVGCILAEM
LSNRPIFPGKHYLDQLNHILGILGSPSQEDLNCIINLKARNYLLSLPHKNKVPWNRLFPNADSKALDLLDKMLTFNPHKR
IEVEQALAHPYLEQYYDPSDEPIAEAPFKFDMELDDLPKEKLKELIFEETARFQPGYRSLE
;
A
2 'polypeptide(L)' AALAF B
#
loop_
_chem_comp.id
_chem_comp.type
_chem_comp.name
_chem_comp.formula
EDO non-polymer 1,2-ETHANEDIOL 'C2 H6 O2'
LHZ non-polymer (6~{R})-7-[[3,4-bis(fluoranyl)phenyl]methyl]-6-(methoxymethyl)-2-[5-methyl-2-[(2-methylpyrazol-3-yl)amino]pyrimidin-4-yl]-5,6-dihydroimidazo[1,2-a]pyrazin-8-one 'C24 H24 F2 N8 O2'
SO4 non-polymer 'SULFATE ION' 'O4 S -2'
#
# COMPACT_ATOMS: atom_id res chain seq x y z
N VAL A 37 -13.36 25.53 -5.05
CA VAL A 37 -13.92 25.72 -3.72
C VAL A 37 -13.26 24.76 -2.71
N PHE A 38 -12.71 25.31 -1.63
CA PHE A 38 -12.07 24.49 -0.59
C PHE A 38 -12.64 24.95 0.74
N ASP A 39 -13.89 24.50 1.00
CA ASP A 39 -14.78 24.97 2.07
C ASP A 39 -14.59 24.27 3.41
N VAL A 40 -13.52 24.66 4.10
CA VAL A 40 -13.10 24.12 5.40
C VAL A 40 -12.91 25.24 6.40
N GLY A 41 -13.51 26.40 6.06
CA GLY A 41 -13.47 27.67 6.79
C GLY A 41 -13.78 27.82 8.27
N PRO A 42 -14.54 26.92 8.99
CA PRO A 42 -14.78 27.16 10.42
C PRO A 42 -13.50 27.35 11.23
N ARG A 43 -12.44 26.61 10.88
CA ARG A 43 -11.15 26.64 11.56
C ARG A 43 -9.96 26.32 10.66
N TYR A 44 -10.19 25.94 9.39
CA TYR A 44 -9.07 25.62 8.51
C TYR A 44 -8.96 26.63 7.35
N THR A 45 -7.80 27.29 7.21
CA THR A 45 -7.52 28.32 6.20
C THR A 45 -6.15 28.12 5.51
N ASN A 46 -5.71 29.11 4.67
CA ASN A 46 -4.44 29.12 3.94
C ASN A 46 -4.12 27.80 3.21
N LEU A 47 -4.98 27.45 2.24
CA LEU A 47 -4.87 26.22 1.47
C LEU A 47 -3.80 26.25 0.38
N SER A 48 -2.98 25.18 0.31
CA SER A 48 -1.93 24.98 -0.70
C SER A 48 -2.07 23.58 -1.27
N TYR A 49 -2.21 23.46 -2.60
CA TYR A 49 -2.38 22.20 -3.36
C TYR A 49 -1.29 21.13 -3.06
N ILE A 50 -1.68 19.85 -3.06
CA ILE A 50 -0.76 18.73 -2.81
C ILE A 50 -0.86 17.69 -3.94
N GLY A 51 -2.08 17.27 -4.27
CA GLY A 51 -2.34 16.29 -5.32
C GLY A 51 -3.80 16.00 -5.57
N GLU A 52 -4.09 15.09 -6.51
CA GLU A 52 -5.46 14.74 -6.86
C GLU A 52 -5.67 13.28 -7.29
N GLY A 53 -6.92 12.86 -7.25
CA GLY A 53 -7.41 11.55 -7.69
C GLY A 53 -8.54 11.75 -8.70
N ALA A 54 -9.11 10.65 -9.22
CA ALA A 54 -10.21 10.69 -10.19
C ALA A 54 -11.47 11.33 -9.60
N TYR A 55 -11.55 11.38 -8.25
CA TYR A 55 -12.70 11.90 -7.53
C TYR A 55 -12.37 12.78 -6.31
N GLY A 56 -11.14 13.25 -6.19
CA GLY A 56 -10.75 14.13 -5.09
C GLY A 56 -9.46 14.90 -5.26
N MET A 57 -9.13 15.72 -4.25
CA MET A 57 -7.96 16.57 -4.20
C MET A 57 -7.45 16.70 -2.76
N VAL A 58 -6.13 16.54 -2.57
CA VAL A 58 -5.46 16.72 -1.27
C VAL A 58 -4.80 18.11 -1.27
N CYS A 59 -5.01 18.85 -0.17
N CYS A 59 -5.04 18.88 -0.19
CA CYS A 59 -4.50 20.19 0.11
CA CYS A 59 -4.57 20.26 0.06
C CYS A 59 -3.87 20.23 1.49
C CYS A 59 -3.96 20.30 1.49
N SER A 60 -3.09 21.29 1.77
CA SER A 60 -2.49 21.51 3.09
C SER A 60 -3.19 22.76 3.61
N ALA A 61 -3.43 22.86 4.94
CA ALA A 61 -4.15 24.01 5.49
C ALA A 61 -3.79 24.25 6.94
N TYR A 62 -3.94 25.51 7.42
CA TYR A 62 -3.64 25.87 8.80
C TYR A 62 -4.85 25.60 9.68
N ASP A 63 -4.63 24.92 10.81
CA ASP A 63 -5.67 24.60 11.79
C ASP A 63 -5.64 25.71 12.82
N ASN A 64 -6.66 26.60 12.76
CA ASN A 64 -6.81 27.76 13.66
C ASN A 64 -7.04 27.37 15.13
N LEU A 65 -7.43 26.10 15.40
CA LEU A 65 -7.63 25.60 16.76
C LEU A 65 -6.35 25.00 17.35
N ASN A 66 -5.77 23.97 16.69
CA ASN A 66 -4.57 23.30 17.21
C ASN A 66 -3.27 24.01 16.87
N LYS A 67 -3.33 25.13 16.11
CA LYS A 67 -2.21 25.98 15.71
C LYS A 67 -1.08 25.17 15.06
N VAL A 68 -1.47 24.28 14.14
CA VAL A 68 -0.57 23.40 13.40
C VAL A 68 -1.11 23.23 11.99
N ARG A 69 -0.22 22.97 11.03
CA ARG A 69 -0.70 22.75 9.68
C ARG A 69 -1.10 21.28 9.59
N VAL A 70 -2.17 21.04 8.87
CA VAL A 70 -2.77 19.72 8.68
C VAL A 70 -2.97 19.46 7.21
N ALA A 71 -3.24 18.21 6.86
CA ALA A 71 -3.57 17.90 5.49
C ALA A 71 -5.08 17.73 5.44
N ILE A 72 -5.69 18.25 4.36
CA ILE A 72 -7.12 18.11 4.11
C ILE A 72 -7.32 17.59 2.70
N LYS A 73 -8.06 16.48 2.57
CA LYS A 73 -8.39 15.83 1.31
C LYS A 73 -9.85 16.15 1.02
N LYS A 74 -10.09 16.95 -0.03
CA LYS A 74 -11.42 17.27 -0.53
C LYS A 74 -11.77 16.08 -1.41
N ILE A 75 -12.86 15.37 -1.09
CA ILE A 75 -13.32 14.18 -1.81
C ILE A 75 -14.69 14.49 -2.41
N SER A 76 -14.82 14.43 -3.74
CA SER A 76 -16.10 14.68 -4.44
C SER A 76 -16.42 13.38 -5.21
N PRO A 77 -16.91 12.32 -4.52
CA PRO A 77 -17.02 11.02 -5.19
C PRO A 77 -18.41 10.60 -5.63
N PHE A 78 -19.42 11.37 -5.26
CA PHE A 78 -20.81 10.97 -5.37
C PHE A 78 -21.34 10.77 -6.78
N GLU A 79 -20.66 11.28 -7.83
CA GLU A 79 -21.15 11.08 -9.20
C GLU A 79 -20.70 9.74 -9.80
N HIS A 80 -19.84 8.98 -9.09
CA HIS A 80 -19.37 7.69 -9.61
C HIS A 80 -19.38 6.61 -8.55
N GLN A 81 -20.09 5.49 -8.82
CA GLN A 81 -20.23 4.35 -7.90
C GLN A 81 -18.88 3.83 -7.38
N THR A 82 -17.89 3.67 -8.28
CA THR A 82 -16.55 3.19 -7.89
C THR A 82 -15.91 4.12 -6.87
N TYR A 83 -16.02 5.45 -7.09
CA TYR A 83 -15.46 6.46 -6.19
C TYR A 83 -16.07 6.38 -4.81
N CYS A 84 -17.40 6.14 -4.74
CA CYS A 84 -18.15 6.01 -3.49
C CYS A 84 -17.74 4.78 -2.68
N GLN A 85 -17.59 3.61 -3.36
CA GLN A 85 -17.23 2.36 -2.69
C GLN A 85 -15.85 2.47 -2.05
N ARG A 86 -14.88 3.05 -2.79
CA ARG A 86 -13.51 3.23 -2.34
C ARG A 86 -13.46 4.22 -1.17
N THR A 87 -14.26 5.30 -1.25
CA THR A 87 -14.29 6.30 -0.18
C THR A 87 -14.83 5.67 1.12
N LEU A 88 -15.94 4.91 1.01
CA LEU A 88 -16.53 4.28 2.17
C LEU A 88 -15.61 3.25 2.85
N ARG A 89 -15.03 2.33 2.06
CA ARG A 89 -14.16 1.32 2.68
C ARG A 89 -12.97 1.98 3.37
N GLU A 90 -12.41 3.04 2.74
CA GLU A 90 -11.29 3.74 3.36
C GLU A 90 -11.69 4.41 4.70
N ILE A 91 -12.81 5.17 4.72
CA ILE A 91 -13.22 5.85 5.95
C ILE A 91 -13.47 4.80 7.04
N LYS A 92 -14.19 3.71 6.68
CA LYS A 92 -14.48 2.68 7.67
C LYS A 92 -13.18 2.11 8.26
N ILE A 93 -12.22 1.78 7.39
CA ILE A 93 -10.97 1.22 7.93
C ILE A 93 -10.18 2.24 8.78
N LEU A 94 -9.97 3.44 8.22
CA LEU A 94 -9.13 4.40 8.91
C LEU A 94 -9.70 4.87 10.25
N LEU A 95 -11.04 4.90 10.39
CA LEU A 95 -11.60 5.27 11.69
C LEU A 95 -11.44 4.16 12.73
N ARG A 96 -11.33 2.89 12.28
CA ARG A 96 -11.18 1.78 13.21
C ARG A 96 -9.73 1.57 13.57
N PHE A 97 -8.82 1.78 12.62
CA PHE A 97 -7.41 1.54 12.90
C PHE A 97 -6.80 2.65 13.78
N ARG A 98 -5.87 2.28 14.66
CA ARG A 98 -5.12 3.25 15.45
C ARG A 98 -3.69 2.73 15.56
N HIS A 99 -2.79 3.31 14.74
CA HIS A 99 -1.41 2.83 14.69
C HIS A 99 -0.50 3.96 14.23
N GLU A 100 0.71 4.05 14.82
CA GLU A 100 1.65 5.11 14.50
C GLU A 100 2.08 5.15 13.02
N ASN A 101 2.07 3.97 12.35
CA ASN A 101 2.51 3.87 10.98
C ASN A 101 1.39 3.81 9.98
N ILE A 102 0.17 4.24 10.41
CA ILE A 102 -0.99 4.28 9.51
C ILE A 102 -1.62 5.65 9.67
N ILE A 103 -1.92 6.33 8.54
CA ILE A 103 -2.55 7.64 8.66
C ILE A 103 -3.90 7.56 9.35
N GLY A 104 -4.15 8.48 10.25
CA GLY A 104 -5.44 8.51 10.94
C GLY A 104 -6.35 9.57 10.37
N ILE A 105 -7.60 9.60 10.82
CA ILE A 105 -8.53 10.66 10.44
C ILE A 105 -8.75 11.49 11.69
N ASN A 106 -8.38 12.79 11.64
CA ASN A 106 -8.54 13.65 12.80
C ASN A 106 -9.91 14.34 12.81
N ASP A 107 -10.44 14.65 11.62
CA ASP A 107 -11.73 15.33 11.51
C ASP A 107 -12.31 15.03 10.11
N ILE A 108 -13.65 15.16 9.99
CA ILE A 108 -14.33 15.00 8.71
C ILE A 108 -15.35 16.13 8.65
N ILE A 109 -15.26 16.93 7.58
CA ILE A 109 -16.15 18.05 7.37
C ILE A 109 -17.10 17.71 6.23
N ARG A 110 -18.38 17.83 6.47
CA ARG A 110 -19.37 17.67 5.41
C ARG A 110 -20.66 18.39 5.82
N ALA A 111 -21.58 18.56 4.88
CA ALA A 111 -22.84 19.22 5.14
C ALA A 111 -23.69 18.47 6.20
N PRO A 112 -24.62 19.16 6.85
CA PRO A 112 -25.39 18.48 7.90
C PRO A 112 -26.47 17.53 7.41
N THR A 113 -26.77 17.57 6.10
CA THR A 113 -27.81 16.71 5.49
C THR A 113 -27.26 16.04 4.24
N ILE A 114 -27.84 14.90 3.86
CA ILE A 114 -27.44 14.18 2.66
C ILE A 114 -27.65 15.08 1.43
N GLU A 115 -28.80 15.77 1.37
CA GLU A 115 -29.16 16.65 0.26
C GLU A 115 -28.08 17.68 -0.01
N GLN A 116 -27.55 18.29 1.06
CA GLN A 116 -26.57 19.35 0.93
C GLN A 116 -25.16 18.87 0.77
N MET A 117 -24.91 17.58 1.05
CA MET A 117 -23.57 17.01 0.99
C MET A 117 -23.14 16.72 -0.44
N LYS A 118 -22.18 17.51 -0.96
CA LYS A 118 -21.66 17.33 -2.32
C LYS A 118 -20.21 16.83 -2.24
N ASP A 119 -19.51 17.27 -1.20
CA ASP A 119 -18.11 16.93 -0.98
C ASP A 119 -17.89 16.49 0.46
N VAL A 120 -16.82 15.72 0.70
CA VAL A 120 -16.44 15.31 2.06
C VAL A 120 -14.99 15.74 2.23
N TYR A 121 -14.65 16.39 3.35
CA TYR A 121 -13.26 16.80 3.59
C TYR A 121 -12.72 15.96 4.73
N ILE A 122 -11.61 15.25 4.49
CA ILE A 122 -10.99 14.43 5.53
C ILE A 122 -9.74 15.16 6.00
N VAL A 123 -9.66 15.42 7.31
CA VAL A 123 -8.52 16.11 7.94
C VAL A 123 -7.61 15.08 8.56
N GLN A 124 -6.32 15.17 8.26
CA GLN A 124 -5.35 14.20 8.73
C GLN A 124 -4.05 14.91 9.11
N ASP A 125 -3.13 14.17 9.75
CA ASP A 125 -1.82 14.77 10.05
C ASP A 125 -1.11 15.16 8.74
N LEU A 126 -0.40 16.29 8.77
CA LEU A 126 0.30 16.75 7.57
C LEU A 126 1.64 16.02 7.52
N MET A 127 1.93 15.44 6.36
CA MET A 127 3.20 14.77 6.12
C MET A 127 3.88 15.55 5.01
N GLU A 128 5.13 15.93 5.21
CA GLU A 128 5.83 16.79 4.25
C GLU A 128 6.05 16.22 2.87
N THR A 129 6.14 14.89 2.73
CA THR A 129 6.40 14.31 1.43
C THR A 129 5.92 12.85 1.42
N ASP A 130 6.30 12.13 0.37
CA ASP A 130 5.99 10.71 0.27
C ASP A 130 7.21 10.03 -0.33
N LEU A 131 7.27 8.70 -0.25
CA LEU A 131 8.45 7.99 -0.72
C LEU A 131 8.63 8.09 -2.24
N TYR A 132 7.55 8.30 -3.01
CA TYR A 132 7.69 8.45 -4.47
C TYR A 132 8.48 9.74 -4.75
N LYS A 133 8.03 10.85 -4.16
CA LYS A 133 8.71 12.14 -4.38
C LYS A 133 10.15 12.07 -3.87
N LEU A 134 10.35 11.44 -2.70
CA LEU A 134 11.70 11.35 -2.13
C LEU A 134 12.63 10.56 -3.02
N LEU A 135 12.18 9.39 -3.54
CA LEU A 135 13.05 8.58 -4.38
C LEU A 135 13.32 9.17 -5.76
N LYS A 136 12.51 10.16 -6.20
CA LYS A 136 12.77 10.82 -7.48
C LYS A 136 14.11 11.55 -7.47
N THR A 137 14.52 12.09 -6.31
CA THR A 137 15.76 12.88 -6.26
C THR A 137 16.77 12.53 -5.16
N GLN A 138 16.37 11.72 -4.18
CA GLN A 138 17.24 11.47 -3.05
C GLN A 138 17.72 10.07 -2.90
N HIS A 139 19.04 9.91 -2.80
CA HIS A 139 19.64 8.62 -2.47
C HIS A 139 19.39 8.37 -0.97
N LEU A 140 19.00 7.15 -0.59
CA LEU A 140 18.80 6.82 0.81
C LEU A 140 20.01 6.10 1.32
N SER A 141 20.41 6.40 2.57
CA SER A 141 21.46 5.62 3.25
C SER A 141 20.88 4.25 3.58
N ASN A 142 21.76 3.28 3.90
CA ASN A 142 21.28 1.95 4.32
C ASN A 142 20.47 2.10 5.61
N ASP A 143 20.85 3.02 6.51
CA ASP A 143 20.05 3.21 7.71
C ASP A 143 18.64 3.68 7.41
N HIS A 144 18.48 4.58 6.41
CA HIS A 144 17.13 5.05 6.05
C HIS A 144 16.30 3.90 5.46
N ILE A 145 16.90 3.12 4.57
CA ILE A 145 16.18 1.99 3.96
C ILE A 145 15.71 1.02 5.06
N CYS A 146 16.59 0.73 6.02
CA CYS A 146 16.28 -0.18 7.10
C CYS A 146 15.13 0.37 7.94
N TYR A 147 15.22 1.63 8.35
CA TYR A 147 14.18 2.20 9.19
C TYR A 147 12.85 2.36 8.45
N PHE A 148 12.91 2.79 7.18
CA PHE A 148 11.65 2.90 6.43
C PHE A 148 11.02 1.53 6.23
N LEU A 149 11.83 0.50 5.90
CA LEU A 149 11.25 -0.82 5.71
C LEU A 149 10.67 -1.32 7.03
N TYR A 150 11.37 -1.07 8.14
CA TYR A 150 10.85 -1.51 9.42
C TYR A 150 9.43 -0.90 9.66
N GLN A 151 9.29 0.42 9.44
CA GLN A 151 8.01 1.06 9.68
C GLN A 151 6.92 0.56 8.74
N ILE A 152 7.26 0.31 7.47
CA ILE A 152 6.28 -0.25 6.53
C ILE A 152 5.75 -1.56 7.10
N LEU A 153 6.69 -2.45 7.49
CA LEU A 153 6.28 -3.77 7.94
C LEU A 153 5.57 -3.69 9.30
N ARG A 154 5.96 -2.73 10.15
CA ARG A 154 5.30 -2.57 11.43
C ARG A 154 3.83 -2.19 11.21
N GLY A 155 3.58 -1.22 10.32
CA GLY A 155 2.20 -0.84 9.99
C GLY A 155 1.48 -2.01 9.33
N LEU A 156 2.17 -2.69 8.38
CA LEU A 156 1.54 -3.83 7.71
C LEU A 156 1.18 -4.95 8.67
N LYS A 157 2.00 -5.20 9.72
CA LYS A 157 1.61 -6.24 10.68
C LYS A 157 0.25 -5.92 11.30
N TYR A 158 0.03 -4.64 11.63
CA TYR A 158 -1.23 -4.23 12.22
C TYR A 158 -2.37 -4.46 11.21
N ILE A 159 -2.19 -3.99 9.96
CA ILE A 159 -3.20 -4.15 8.94
C ILE A 159 -3.59 -5.61 8.78
N HIS A 160 -2.60 -6.47 8.57
CA HIS A 160 -2.83 -7.88 8.37
C HIS A 160 -3.44 -8.54 9.60
N SER A 161 -3.09 -8.04 10.81
CA SER A 161 -3.64 -8.64 12.03
C SER A 161 -5.14 -8.35 12.15
N ALA A 162 -5.63 -7.31 11.47
CA ALA A 162 -7.06 -6.98 11.45
C ALA A 162 -7.74 -7.77 10.32
N ASN A 163 -7.03 -8.69 9.64
CA ASN A 163 -7.56 -9.47 8.51
C ASN A 163 -7.85 -8.58 7.32
N VAL A 164 -7.11 -7.45 7.16
CA VAL A 164 -7.28 -6.52 6.07
C VAL A 164 -6.04 -6.58 5.19
N LEU A 165 -6.26 -6.43 3.87
CA LEU A 165 -5.22 -6.36 2.84
C LEU A 165 -5.25 -4.91 2.33
N HIS A 166 -4.08 -4.28 2.20
CA HIS A 166 -4.02 -2.92 1.69
C HIS A 166 -4.28 -2.91 0.16
N ARG A 167 -3.54 -3.75 -0.58
CA ARG A 167 -3.70 -4.01 -2.02
C ARG A 167 -3.24 -2.88 -2.91
N ASP A 168 -2.63 -1.81 -2.39
CA ASP A 168 -2.07 -0.81 -3.32
C ASP A 168 -0.86 -0.19 -2.68
N LEU A 169 -0.02 -1.04 -2.04
CA LEU A 169 1.19 -0.47 -1.47
C LEU A 169 2.16 -0.09 -2.58
N LYS A 170 2.70 1.14 -2.48
CA LYS A 170 3.62 1.71 -3.46
C LYS A 170 4.22 2.94 -2.83
N PRO A 171 5.34 3.46 -3.37
CA PRO A 171 5.99 4.60 -2.72
C PRO A 171 5.08 5.79 -2.48
N SER A 172 4.17 6.12 -3.43
CA SER A 172 3.34 7.31 -3.22
C SER A 172 2.30 7.17 -2.11
N ASN A 173 2.11 5.95 -1.65
CA ASN A 173 1.18 5.69 -0.54
C ASN A 173 1.92 5.54 0.78
N LEU A 174 3.20 5.97 0.82
CA LEU A 174 3.99 5.94 2.05
C LEU A 174 4.40 7.37 2.35
N LEU A 175 3.71 7.95 3.31
CA LEU A 175 3.94 9.36 3.66
C LEU A 175 5.08 9.49 4.63
N LEU A 176 5.86 10.58 4.50
CA LEU A 176 7.02 10.82 5.32
C LEU A 176 7.05 12.23 5.83
N ASN A 177 7.61 12.41 7.02
CA ASN A 177 7.81 13.75 7.56
C ASN A 177 9.33 14.03 7.64
N THR A 178 9.73 15.20 8.16
CA THR A 178 11.17 15.56 8.20
C THR A 178 12.00 14.73 9.18
N THR A 179 11.33 14.05 10.11
CA THR A 179 11.99 13.23 11.13
C THR A 179 11.96 11.74 10.75
N CYS A 180 11.65 11.45 9.47
CA CYS A 180 11.63 10.09 8.92
C CYS A 180 10.55 9.19 9.48
N ASP A 181 9.48 9.76 10.06
CA ASP A 181 8.34 8.94 10.45
C ASP A 181 7.59 8.62 9.19
N LEU A 182 7.09 7.39 9.08
CA LEU A 182 6.43 6.87 7.88
C LEU A 182 5.01 6.44 8.26
N LYS A 183 4.04 6.82 7.41
CA LYS A 183 2.65 6.41 7.60
C LYS A 183 2.07 5.90 6.28
N ILE A 184 1.44 4.74 6.33
CA ILE A 184 0.79 4.17 5.17
C ILE A 184 -0.55 4.87 4.98
N CYS A 185 -0.84 5.21 3.71
CA CYS A 185 -2.14 5.83 3.42
C CYS A 185 -2.78 5.13 2.21
N ASP A 186 -3.99 5.62 1.83
CA ASP A 186 -4.80 5.21 0.66
C ASP A 186 -5.27 3.77 0.77
N PHE A 187 -6.38 3.59 1.49
CA PHE A 187 -6.99 2.27 1.71
C PHE A 187 -8.21 2.08 0.79
N GLY A 188 -8.26 2.84 -0.31
CA GLY A 188 -9.39 2.74 -1.24
C GLY A 188 -9.54 1.40 -1.93
N LEU A 189 -8.44 0.62 -2.05
CA LEU A 189 -8.50 -0.69 -2.68
C LEU A 189 -8.43 -1.82 -1.66
N ALA A 190 -8.46 -1.49 -0.36
CA ALA A 190 -8.35 -2.47 0.67
C ALA A 190 -9.54 -3.44 0.74
N ARG A 191 -9.29 -4.65 1.19
CA ARG A 191 -10.33 -5.68 1.32
C ARG A 191 -10.06 -6.52 2.52
N VAL A 192 -11.09 -7.23 3.02
CA VAL A 192 -10.88 -8.22 4.04
C VAL A 192 -10.30 -9.45 3.33
N ALA A 193 -9.29 -10.11 3.93
CA ALA A 193 -8.66 -11.27 3.33
C ALA A 193 -9.68 -12.38 3.09
N ASP A 194 -9.57 -13.03 1.93
CA ASP A 194 -10.51 -14.09 1.53
C ASP A 194 -9.75 -15.19 0.76
N PRO A 195 -8.85 -15.96 1.42
CA PRO A 195 -8.08 -16.98 0.70
C PRO A 195 -8.90 -18.06 -0.01
N ASP A 196 -10.10 -18.41 0.53
CA ASP A 196 -10.98 -19.42 -0.08
C ASP A 196 -11.54 -19.03 -1.44
N HIS A 197 -11.64 -17.72 -1.73
CA HIS A 197 -12.17 -17.20 -3.00
C HIS A 197 -11.10 -16.43 -3.76
N ASP A 198 -9.83 -16.82 -3.59
CA ASP A 198 -8.74 -16.11 -4.29
C ASP A 198 -8.53 -16.60 -5.73
N HIS A 199 -9.01 -17.77 -6.06
CA HIS A 199 -8.75 -18.37 -7.37
C HIS A 199 -9.50 -17.71 -8.52
N THR A 200 -8.79 -17.51 -9.62
CA THR A 200 -9.37 -16.94 -10.85
C THR A 200 -8.57 -17.47 -12.04
N GLY A 201 -9.04 -17.18 -13.25
CA GLY A 201 -8.36 -17.63 -14.45
C GLY A 201 -7.21 -16.72 -14.86
N PHE A 202 -6.56 -17.13 -15.92
CA PHE A 202 -5.42 -16.44 -16.48
C PHE A 202 -5.87 -15.10 -17.07
N LEU A 203 -5.05 -14.07 -16.89
CA LEU A 203 -5.33 -12.75 -17.45
C LEU A 203 -6.62 -12.11 -16.92
N THR A 204 -6.92 -12.30 -15.61
CA THR A 204 -8.10 -11.66 -15.02
C THR A 204 -7.74 -10.20 -14.76
N GLU A 205 -8.64 -9.27 -15.14
CA GLU A 205 -8.41 -7.83 -14.98
C GLU A 205 -8.16 -7.47 -13.53
N TYR A 206 -7.27 -6.48 -13.30
CA TYR A 206 -6.92 -6.10 -11.92
C TYR A 206 -6.81 -4.60 -11.83
N VAL A 207 -7.15 -4.04 -10.65
CA VAL A 207 -7.18 -2.58 -10.56
C VAL A 207 -5.91 -1.94 -9.97
N ALA A 208 -5.25 -2.59 -9.00
CA ALA A 208 -4.12 -1.98 -8.31
C ALA A 208 -2.92 -1.71 -9.19
N THR A 209 -2.05 -0.79 -8.78
CA THR A 209 -0.89 -0.31 -9.54
C THR A 209 -0.06 -1.44 -10.12
N ARG A 210 0.11 -1.40 -11.46
CA ARG A 210 0.76 -2.48 -12.17
C ARG A 210 2.11 -2.88 -11.64
N TRP A 211 3.02 -1.93 -11.44
CA TRP A 211 4.39 -2.26 -11.12
C TRP A 211 4.58 -3.00 -9.80
N TYR A 212 3.56 -2.98 -8.94
CA TYR A 212 3.69 -3.59 -7.61
C TYR A 212 2.85 -4.84 -7.49
N ARG A 213 2.32 -5.38 -8.63
CA ARG A 213 1.50 -6.58 -8.67
C ARG A 213 2.33 -7.85 -8.58
N ALA A 214 1.97 -8.75 -7.68
CA ALA A 214 2.63 -10.06 -7.54
C ALA A 214 2.38 -10.86 -8.83
N PRO A 215 3.28 -11.80 -9.18
CA PRO A 215 3.12 -12.54 -10.44
C PRO A 215 1.82 -13.30 -10.50
N GLU A 216 1.36 -13.83 -9.37
CA GLU A 216 0.12 -14.61 -9.38
C GLU A 216 -1.12 -13.83 -9.78
N ILE A 217 -1.11 -12.48 -9.65
CA ILE A 217 -2.29 -11.70 -10.10
C ILE A 217 -2.59 -11.96 -11.57
N MET A 218 -1.52 -12.12 -12.37
CA MET A 218 -1.64 -12.31 -13.80
C MET A 218 -1.92 -13.74 -14.17
N LEU A 219 -1.76 -14.65 -13.20
CA LEU A 219 -1.87 -16.08 -13.42
C LEU A 219 -3.12 -16.72 -12.88
N ASN A 220 -3.39 -16.56 -11.57
CA ASN A 220 -4.52 -17.30 -11.00
C ASN A 220 -5.07 -16.70 -9.71
N SER A 221 -4.73 -15.44 -9.39
CA SER A 221 -5.12 -14.86 -8.12
C SER A 221 -5.90 -13.56 -8.23
N LYS A 222 -6.92 -13.39 -7.37
CA LYS A 222 -7.69 -12.16 -7.28
C LYS A 222 -7.04 -11.14 -6.32
N GLY A 223 -5.94 -11.50 -5.67
CA GLY A 223 -5.32 -10.57 -4.73
C GLY A 223 -6.07 -10.47 -3.40
N TYR A 224 -6.58 -11.62 -2.95
CA TYR A 224 -7.33 -11.69 -1.70
C TYR A 224 -6.53 -12.36 -0.58
N THR A 225 -5.19 -12.44 -0.70
CA THR A 225 -4.42 -13.03 0.40
C THR A 225 -3.31 -12.05 0.79
N LYS A 226 -2.82 -12.19 2.01
CA LYS A 226 -1.80 -11.31 2.59
C LYS A 226 -0.49 -11.27 1.79
N SER A 227 -0.18 -12.38 1.10
CA SER A 227 1.03 -12.44 0.29
C SER A 227 1.09 -11.38 -0.81
N ILE A 228 -0.07 -10.85 -1.24
N ILE A 228 -0.05 -10.84 -1.25
CA ILE A 228 -0.13 -9.79 -2.25
CA ILE A 228 -0.06 -9.79 -2.25
C ILE A 228 0.58 -8.53 -1.76
C ILE A 228 0.68 -8.57 -1.73
N ASP A 229 0.42 -8.23 -0.47
CA ASP A 229 1.03 -7.05 0.10
C ASP A 229 2.52 -7.22 0.29
N ILE A 230 2.97 -8.41 0.72
CA ILE A 230 4.40 -8.65 0.90
C ILE A 230 5.14 -8.46 -0.43
N TRP A 231 4.57 -8.94 -1.53
CA TRP A 231 5.23 -8.71 -2.83
C TRP A 231 5.44 -7.22 -3.08
N SER A 232 4.38 -6.43 -2.85
CA SER A 232 4.52 -5.00 -3.09
C SER A 232 5.61 -4.39 -2.21
N VAL A 233 5.70 -4.85 -0.93
CA VAL A 233 6.76 -4.29 -0.06
C VAL A 233 8.13 -4.68 -0.61
N GLY A 234 8.26 -5.89 -1.14
CA GLY A 234 9.52 -6.29 -1.76
C GLY A 234 9.86 -5.37 -2.92
N CYS A 235 8.87 -5.03 -3.76
CA CYS A 235 9.09 -4.09 -4.86
C CYS A 235 9.56 -2.71 -4.29
N ILE A 236 8.97 -2.28 -3.15
CA ILE A 236 9.35 -0.99 -2.58
C ILE A 236 10.76 -1.03 -2.06
N LEU A 237 11.15 -2.14 -1.39
CA LEU A 237 12.52 -2.28 -0.92
C LEU A 237 13.51 -2.18 -2.08
N ALA A 238 13.23 -2.89 -3.18
CA ALA A 238 14.12 -2.82 -4.35
C ALA A 238 14.21 -1.37 -4.86
N GLU A 239 13.09 -0.65 -4.88
CA GLU A 239 13.07 0.72 -5.34
C GLU A 239 13.85 1.64 -4.40
N MET A 240 13.80 1.37 -3.07
CA MET A 240 14.60 2.17 -2.14
C MET A 240 16.10 1.94 -2.34
N LEU A 241 16.47 0.73 -2.78
CA LEU A 241 17.90 0.42 -2.98
C LEU A 241 18.49 1.07 -4.22
N SER A 242 17.67 1.27 -5.26
CA SER A 242 18.18 1.76 -6.56
C SER A 242 17.58 3.05 -7.08
N ASN A 243 16.50 3.55 -6.44
CA ASN A 243 15.77 4.74 -6.91
C ASN A 243 15.07 4.52 -8.25
N ARG A 244 14.74 3.29 -8.57
CA ARG A 244 14.03 3.01 -9.82
C ARG A 244 13.12 1.81 -9.56
N PRO A 245 11.92 1.77 -10.19
CA PRO A 245 11.05 0.58 -10.01
C PRO A 245 11.74 -0.66 -10.52
N ILE A 246 11.62 -1.77 -9.79
CA ILE A 246 12.30 -2.99 -10.17
C ILE A 246 11.61 -3.69 -11.36
N PHE A 247 10.27 -3.61 -11.44
CA PHE A 247 9.48 -4.26 -12.49
C PHE A 247 8.52 -3.27 -13.15
N PRO A 248 9.05 -2.34 -13.97
CA PRO A 248 8.20 -1.33 -14.59
C PRO A 248 7.48 -1.81 -15.85
N GLY A 249 6.55 -2.75 -15.67
CA GLY A 249 5.75 -3.29 -16.78
C GLY A 249 4.96 -2.19 -17.45
N LYS A 250 4.86 -2.25 -18.79
CA LYS A 250 4.15 -1.21 -19.54
C LYS A 250 2.68 -1.54 -19.79
N HIS A 251 2.33 -2.79 -19.60
CA HIS A 251 0.99 -3.31 -19.79
C HIS A 251 0.90 -4.62 -19.05
N TYR A 252 -0.34 -5.16 -18.95
CA TYR A 252 -0.69 -6.28 -18.09
C TYR A 252 0.31 -7.42 -18.14
N LEU A 253 0.48 -8.10 -19.29
CA LEU A 253 1.41 -9.23 -19.35
C LEU A 253 2.86 -8.82 -19.30
N ASP A 254 3.21 -7.58 -19.77
CA ASP A 254 4.61 -7.14 -19.69
C ASP A 254 5.05 -7.16 -18.22
N GLN A 255 4.11 -6.96 -17.32
CA GLN A 255 4.47 -6.98 -15.90
C GLN A 255 5.01 -8.34 -15.48
N LEU A 256 4.35 -9.40 -15.91
CA LEU A 256 4.80 -10.75 -15.58
C LEU A 256 6.13 -11.02 -16.25
N ASN A 257 6.32 -10.54 -17.49
CA ASN A 257 7.56 -10.77 -18.19
C ASN A 257 8.77 -9.99 -17.51
N HIS A 258 8.56 -8.79 -16.92
CA HIS A 258 9.62 -8.14 -16.15
C HIS A 258 9.96 -9.00 -14.91
N ILE A 259 8.93 -9.51 -14.20
CA ILE A 259 9.18 -10.31 -13.01
C ILE A 259 10.03 -11.54 -13.32
N LEU A 260 9.60 -12.27 -14.37
CA LEU A 260 10.29 -13.51 -14.75
C LEU A 260 11.66 -13.25 -15.36
N GLY A 261 11.86 -12.06 -15.90
CA GLY A 261 13.17 -11.67 -16.45
C GLY A 261 14.23 -11.60 -15.37
N ILE A 262 13.80 -11.33 -14.10
CA ILE A 262 14.74 -11.27 -13.00
C ILE A 262 14.73 -12.55 -12.16
N LEU A 263 13.53 -13.08 -11.85
CA LEU A 263 13.43 -14.30 -11.04
C LEU A 263 13.83 -15.55 -11.82
N GLY A 264 13.74 -15.48 -13.14
CA GLY A 264 14.00 -16.63 -13.97
C GLY A 264 12.79 -17.54 -14.02
N SER A 265 12.92 -18.64 -14.72
CA SER A 265 11.82 -19.56 -14.89
C SER A 265 11.35 -20.14 -13.57
N PRO A 266 10.02 -20.18 -13.32
CA PRO A 266 9.52 -20.83 -12.11
C PRO A 266 9.91 -22.31 -12.10
N SER A 267 10.23 -22.81 -10.92
CA SER A 267 10.60 -24.20 -10.70
C SER A 267 9.45 -25.15 -10.93
N GLN A 268 9.75 -26.44 -11.00
CA GLN A 268 8.70 -27.43 -11.13
C GLN A 268 7.75 -27.36 -9.91
N GLU A 269 8.31 -27.19 -8.70
CA GLU A 269 7.50 -27.07 -7.48
C GLU A 269 6.59 -25.85 -7.51
N ASP A 270 7.04 -24.76 -8.08
N ASP A 270 7.11 -24.68 -7.98
CA ASP A 270 6.11 -23.64 -8.10
CA ASP A 270 6.23 -23.51 -7.97
C ASP A 270 5.09 -23.75 -9.16
C ASP A 270 5.18 -23.62 -9.15
N LEU A 271 5.44 -24.43 -10.23
CA LEU A 271 4.43 -24.71 -11.27
C LEU A 271 3.37 -25.70 -10.72
N ASN A 272 3.68 -26.46 -9.64
CA ASN A 272 2.68 -27.36 -9.02
C ASN A 272 1.43 -26.64 -8.53
N CYS A 273 1.55 -25.34 -8.19
CA CYS A 273 0.47 -24.48 -7.71
C CYS A 273 -0.36 -23.92 -8.84
N ILE A 274 0.19 -23.92 -10.05
CA ILE A 274 -0.53 -23.30 -11.15
C ILE A 274 -1.28 -24.43 -11.89
N ILE A 275 -2.51 -24.64 -11.49
CA ILE A 275 -3.32 -25.75 -12.03
C ILE A 275 -4.26 -25.30 -13.16
N ASN A 276 -4.49 -23.99 -13.32
CA ASN A 276 -5.32 -23.54 -14.42
C ASN A 276 -4.49 -23.63 -15.69
N LEU A 277 -5.03 -24.32 -16.69
CA LEU A 277 -4.23 -24.65 -17.88
C LEU A 277 -3.68 -23.49 -18.65
N LYS A 278 -4.46 -22.44 -18.87
CA LYS A 278 -3.98 -21.34 -19.70
C LYS A 278 -2.77 -20.67 -19.05
N ALA A 279 -2.79 -20.52 -17.73
CA ALA A 279 -1.67 -19.93 -17.03
C ALA A 279 -0.47 -20.86 -17.04
N ARG A 280 -0.70 -22.16 -16.75
CA ARG A 280 0.37 -23.14 -16.73
C ARG A 280 1.06 -23.20 -18.08
N ASN A 281 0.24 -23.39 -19.15
CA ASN A 281 0.77 -23.52 -20.48
C ASN A 281 1.46 -22.24 -20.94
N TYR A 282 0.99 -21.07 -20.48
CA TYR A 282 1.71 -19.85 -20.83
C TYR A 282 3.12 -19.93 -20.23
N LEU A 283 3.23 -20.27 -18.96
CA LEU A 283 4.56 -20.34 -18.38
C LEU A 283 5.45 -21.41 -19.05
N LEU A 284 4.87 -22.59 -19.37
CA LEU A 284 5.66 -23.62 -20.02
C LEU A 284 6.16 -23.24 -21.41
N SER A 285 5.45 -22.28 -22.06
CA SER A 285 5.79 -21.85 -23.41
C SER A 285 6.98 -20.90 -23.44
N LEU A 286 7.38 -20.37 -22.28
CA LEU A 286 8.45 -19.37 -22.20
C LEU A 286 9.82 -20.00 -22.24
N PRO A 287 10.80 -19.35 -22.88
CA PRO A 287 12.14 -19.95 -22.91
C PRO A 287 12.72 -19.95 -21.50
N HIS A 288 13.58 -20.91 -21.24
CA HIS A 288 14.25 -20.97 -19.95
C HIS A 288 15.11 -19.75 -19.69
N LYS A 289 15.06 -19.25 -18.43
CA LYS A 289 15.92 -18.17 -17.96
C LYS A 289 16.38 -18.50 -16.58
N ASN A 290 17.66 -18.25 -16.30
CA ASN A 290 18.16 -18.41 -14.95
C ASN A 290 17.93 -17.10 -14.16
N LYS A 291 17.96 -17.18 -12.83
CA LYS A 291 17.80 -16.03 -11.91
C LYS A 291 18.89 -14.94 -12.14
N VAL A 292 18.52 -13.63 -12.07
CA VAL A 292 19.46 -12.50 -12.10
C VAL A 292 19.80 -12.35 -10.61
N PRO A 293 21.07 -12.46 -10.21
CA PRO A 293 21.39 -12.38 -8.77
C PRO A 293 21.15 -11.00 -8.22
N TRP A 294 20.53 -10.94 -7.01
CA TRP A 294 20.22 -9.66 -6.39
C TRP A 294 21.46 -8.81 -6.24
N ASN A 295 22.63 -9.44 -5.92
CA ASN A 295 23.89 -8.74 -5.72
C ASN A 295 24.45 -8.14 -7.04
N ARG A 296 23.94 -8.57 -8.20
CA ARG A 296 24.32 -8.02 -9.49
C ARG A 296 23.42 -6.84 -9.82
N LEU A 297 22.13 -6.92 -9.41
CA LEU A 297 21.20 -5.79 -9.61
C LEU A 297 21.47 -4.68 -8.61
N PHE A 298 21.87 -5.02 -7.36
CA PHE A 298 22.07 -4.04 -6.30
C PHE A 298 23.45 -4.23 -5.69
N PRO A 299 24.50 -3.84 -6.43
CA PRO A 299 25.87 -4.10 -5.94
C PRO A 299 26.28 -3.34 -4.67
N ASN A 300 25.61 -2.22 -4.34
CA ASN A 300 25.92 -1.40 -3.16
C ASN A 300 25.04 -1.75 -1.95
N ALA A 301 24.12 -2.72 -2.12
CA ALA A 301 23.20 -3.09 -1.06
C ALA A 301 23.77 -3.98 0.03
N ASP A 302 23.25 -3.81 1.23
CA ASP A 302 23.57 -4.64 2.39
C ASP A 302 23.13 -6.08 2.06
N SER A 303 24.00 -7.08 2.30
CA SER A 303 23.66 -8.47 2.00
C SER A 303 22.44 -8.97 2.75
N LYS A 304 22.21 -8.49 3.98
CA LYS A 304 21.03 -8.91 4.74
C LYS A 304 19.78 -8.32 4.10
N ALA A 305 19.87 -7.10 3.57
CA ALA A 305 18.70 -6.50 2.90
C ALA A 305 18.34 -7.34 1.66
N LEU A 306 19.37 -7.83 0.94
CA LEU A 306 19.10 -8.63 -0.26
C LEU A 306 18.53 -10.00 0.08
N ASP A 307 18.89 -10.56 1.24
CA ASP A 307 18.34 -11.84 1.63
C ASP A 307 16.85 -11.64 1.95
N LEU A 308 16.51 -10.53 2.62
CA LEU A 308 15.10 -10.25 2.90
C LEU A 308 14.32 -9.93 1.61
N LEU A 309 14.95 -9.20 0.69
CA LEU A 309 14.34 -8.91 -0.60
C LEU A 309 14.02 -10.22 -1.31
N ASP A 310 14.97 -11.16 -1.31
CA ASP A 310 14.74 -12.41 -1.99
C ASP A 310 13.50 -13.11 -1.44
N LYS A 311 13.32 -13.07 -0.12
CA LYS A 311 12.21 -13.76 0.53
C LYS A 311 10.88 -13.07 0.29
N MET A 312 10.89 -11.76 0.08
N MET A 312 10.87 -11.74 0.09
CA MET A 312 9.66 -11.02 -0.20
CA MET A 312 9.60 -11.04 -0.19
C MET A 312 9.28 -11.22 -1.65
C MET A 312 9.25 -11.18 -1.66
N LEU A 313 10.28 -11.26 -2.53
CA LEU A 313 10.06 -11.41 -3.97
C LEU A 313 10.17 -12.87 -4.39
N THR A 314 9.57 -13.75 -3.63
CA THR A 314 9.48 -15.18 -3.88
C THR A 314 8.27 -15.41 -4.78
N PHE A 315 8.50 -16.15 -5.86
CA PHE A 315 7.45 -16.42 -6.84
C PHE A 315 6.21 -17.13 -6.24
N ASN A 316 6.44 -18.21 -5.49
CA ASN A 316 5.36 -18.99 -4.92
C ASN A 316 4.77 -18.23 -3.72
N PRO A 317 3.52 -17.75 -3.82
CA PRO A 317 2.97 -16.96 -2.69
C PRO A 317 2.89 -17.75 -1.40
N HIS A 318 2.81 -19.09 -1.48
CA HIS A 318 2.75 -19.93 -0.27
C HIS A 318 4.11 -19.98 0.47
N LYS A 319 5.22 -19.77 -0.25
CA LYS A 319 6.56 -19.80 0.32
C LYS A 319 7.07 -18.40 0.66
N ARG A 320 6.37 -17.37 0.15
CA ARG A 320 6.76 -15.98 0.36
C ARG A 320 6.70 -15.66 1.86
N ILE A 321 7.69 -14.88 2.35
CA ILE A 321 7.75 -14.57 3.79
C ILE A 321 6.50 -13.77 4.21
N GLU A 322 6.05 -14.01 5.44
CA GLU A 322 4.91 -13.29 5.99
C GLU A 322 5.42 -12.09 6.81
N VAL A 323 4.54 -11.16 7.11
CA VAL A 323 4.96 -9.90 7.73
C VAL A 323 5.69 -10.08 9.06
N GLU A 324 5.23 -11.04 9.92
CA GLU A 324 5.88 -11.21 11.23
C GLU A 324 7.27 -11.82 11.07
N GLN A 325 7.44 -12.68 10.07
CA GLN A 325 8.77 -13.24 9.81
C GLN A 325 9.70 -12.17 9.25
N ALA A 326 9.17 -11.26 8.40
CA ALA A 326 10.00 -10.23 7.80
C ALA A 326 10.50 -9.30 8.93
N LEU A 327 9.64 -8.95 9.90
CA LEU A 327 10.08 -8.11 11.02
C LEU A 327 11.22 -8.77 11.79
N ALA A 328 11.19 -10.10 11.91
CA ALA A 328 12.21 -10.88 12.66
C ALA A 328 13.47 -11.16 11.82
N HIS A 329 13.52 -10.68 10.57
CA HIS A 329 14.69 -10.97 9.74
C HIS A 329 15.94 -10.23 10.26
N PRO A 330 17.14 -10.83 10.12
CA PRO A 330 18.36 -10.15 10.58
C PRO A 330 18.56 -8.71 10.08
N TYR A 331 18.10 -8.37 8.87
CA TYR A 331 18.27 -7.00 8.38
C TYR A 331 17.67 -6.00 9.33
N LEU A 332 16.54 -6.37 9.98
CA LEU A 332 15.82 -5.45 10.89
C LEU A 332 16.10 -5.62 12.36
N GLU A 333 17.18 -6.32 12.69
CA GLU A 333 17.51 -6.63 14.08
C GLU A 333 17.64 -5.41 14.99
N GLN A 334 18.13 -4.26 14.48
CA GLN A 334 18.26 -3.11 15.38
C GLN A 334 16.92 -2.53 15.84
N TYR A 335 15.82 -2.82 15.10
CA TYR A 335 14.51 -2.29 15.44
C TYR A 335 13.54 -3.31 15.99
N TYR A 336 13.72 -4.57 15.63
CA TYR A 336 12.74 -5.61 15.98
C TYR A 336 12.44 -5.70 17.45
N ASP A 337 11.16 -5.65 17.75
CA ASP A 337 10.67 -5.73 19.12
C ASP A 337 9.18 -6.08 19.01
N PRO A 338 8.83 -7.38 19.07
CA PRO A 338 7.41 -7.76 18.88
C PRO A 338 6.47 -7.14 19.89
N SER A 339 6.94 -6.86 21.14
CA SER A 339 6.09 -6.19 22.11
C SER A 339 5.77 -4.74 21.73
N ASP A 340 6.55 -4.17 20.79
CA ASP A 340 6.31 -2.79 20.34
C ASP A 340 5.85 -2.76 18.89
N GLU A 341 5.25 -3.85 18.43
CA GLU A 341 4.71 -4.02 17.07
C GLU A 341 3.28 -4.48 17.25
N PRO A 342 2.41 -3.55 17.63
CA PRO A 342 1.06 -3.92 18.03
C PRO A 342 0.16 -4.48 16.96
N ILE A 343 -0.80 -5.25 17.41
CA ILE A 343 -1.81 -5.81 16.53
C ILE A 343 -3.16 -5.20 16.84
N ALA A 344 -4.09 -5.43 15.92
CA ALA A 344 -5.42 -4.85 16.05
C ALA A 344 -6.21 -5.55 17.14
N GLU A 345 -7.07 -4.77 17.83
CA GLU A 345 -7.87 -5.26 18.95
C GLU A 345 -8.94 -6.29 18.53
N ALA A 346 -9.32 -6.31 17.25
CA ALA A 346 -10.28 -7.28 16.71
C ALA A 346 -10.16 -7.35 15.21
N PRO A 347 -10.46 -8.48 14.54
CA PRO A 347 -10.44 -8.46 13.08
C PRO A 347 -11.59 -7.62 12.50
N PHE A 348 -11.42 -7.19 11.25
CA PHE A 348 -12.41 -6.51 10.44
C PHE A 348 -13.11 -7.68 9.73
N LYS A 349 -14.13 -8.30 10.38
CA LYS A 349 -14.89 -9.45 9.89
C LYS A 349 -15.75 -9.09 8.69
N LEU A 357 -23.82 -2.10 -4.40
CA LEU A 357 -24.65 -1.03 -3.87
C LEU A 357 -24.64 0.20 -4.79
N PRO A 358 -25.80 0.82 -5.11
CA PRO A 358 -25.79 2.01 -5.99
C PRO A 358 -25.15 3.22 -5.31
N LYS A 359 -24.61 4.16 -6.11
CA LYS A 359 -23.94 5.37 -5.61
C LYS A 359 -24.80 6.22 -4.68
N GLU A 360 -26.13 6.24 -4.89
CA GLU A 360 -27.05 7.00 -4.02
C GLU A 360 -27.06 6.38 -2.62
N LYS A 361 -27.17 5.04 -2.53
CA LYS A 361 -27.13 4.29 -1.26
C LYS A 361 -25.71 4.40 -0.60
N LEU A 362 -24.62 4.37 -1.40
CA LEU A 362 -23.26 4.49 -0.86
C LEU A 362 -23.06 5.88 -0.24
N LYS A 363 -23.68 6.91 -0.83
CA LYS A 363 -23.64 8.28 -0.29
C LYS A 363 -24.27 8.28 1.13
N GLU A 364 -25.38 7.54 1.33
CA GLU A 364 -26.07 7.44 2.63
C GLU A 364 -25.14 6.84 3.70
N LEU A 365 -24.43 5.77 3.33
CA LEU A 365 -23.53 5.10 4.25
C LEU A 365 -22.32 5.97 4.59
N ILE A 366 -21.83 6.77 3.59
CA ILE A 366 -20.73 7.71 3.84
C ILE A 366 -21.22 8.78 4.86
N PHE A 367 -22.45 9.27 4.69
CA PHE A 367 -23.05 10.23 5.63
C PHE A 367 -23.09 9.66 7.08
N GLU A 368 -23.62 8.41 7.25
CA GLU A 368 -23.69 7.74 8.55
C GLU A 368 -22.30 7.53 9.19
N GLU A 369 -21.34 7.06 8.38
CA GLU A 369 -19.99 6.80 8.84
C GLU A 369 -19.25 8.05 9.33
N THR A 370 -19.66 9.24 8.84
CA THR A 370 -18.97 10.49 9.15
C THR A 370 -19.68 11.31 10.19
N ALA A 371 -20.80 10.80 10.73
CA ALA A 371 -21.65 11.47 11.70
C ALA A 371 -20.97 11.87 13.00
N ARG A 372 -20.01 11.05 13.49
CA ARG A 372 -19.35 11.31 14.78
C ARG A 372 -18.62 12.66 14.83
N PHE A 373 -18.27 13.25 13.66
CA PHE A 373 -17.53 14.50 13.62
C PHE A 373 -18.39 15.74 13.57
N GLN A 374 -19.73 15.57 13.59
CA GLN A 374 -20.64 16.71 13.59
C GLN A 374 -20.77 17.21 15.04
N PRO A 375 -20.75 18.54 15.29
CA PRO A 375 -20.83 19.04 16.68
C PRO A 375 -22.19 18.83 17.34
N ALA B 1 28.12 4.34 9.71
CA ALA B 1 26.89 5.11 9.80
C ALA B 1 25.91 4.53 10.82
N ALA B 2 25.43 5.39 11.74
CA ALA B 2 24.50 5.04 12.82
C ALA B 2 23.56 6.23 13.02
N LEU B 3 22.59 6.38 12.11
CA LEU B 3 21.68 7.51 12.13
C LEU B 3 20.75 7.51 13.32
N ALA B 4 20.59 8.68 13.95
CA ALA B 4 19.75 8.87 15.11
C ALA B 4 18.33 9.23 14.72
N PHE B 5 17.43 8.24 14.70
CA PHE B 5 16.02 8.51 14.38
C PHE B 5 15.22 8.75 15.65
C1 LHZ C . -1.86 13.05 3.48
C2 LHZ C . -1.10 13.87 4.30
C3 LHZ C . 0.34 14.37 2.63
N6 LHZ C . 3.70 15.53 -0.51
C7 LHZ C . -3.26 10.70 0.02
C8 LHZ C . -4.43 9.97 -0.52
C9 LHZ C . -3.11 9.49 -2.60
C10 LHZ C . -1.83 9.81 -1.83
C11 LHZ C . -3.28 10.49 -3.72
C12 LHZ C . -3.70 12.75 -4.16
C13 LHZ C . -5.41 8.59 -2.27
C14 LHZ C . -6.53 9.33 -2.99
C15 LHZ C . -7.50 8.61 -3.66
C16 LHZ C . -8.53 9.25 -4.34
C19 LHZ C . -6.59 10.72 -2.99
C20 LHZ C . 2.07 14.98 0.95
C21 LHZ C . 2.27 13.89 0.13
C22 LHZ C . 3.29 14.29 -0.74
F1 LHZ C . -9.52 11.26 -5.04
C17 LHZ C . -8.57 10.62 -4.34
C18 LHZ C . -7.62 11.34 -3.66
F LHZ C . -7.68 12.70 -3.70
N4 LHZ C . -4.32 9.42 -1.75
O1 LHZ C . -3.44 11.78 -3.16
N2 LHZ C . -2.12 10.74 -0.74
C6 LHZ C . -1.27 11.61 -0.14
O LHZ C . -5.46 9.86 0.15
N3 LHZ C . -3.13 11.44 1.13
C5 LHZ C . -1.87 11.99 1.04
C4 LHZ C . -1.33 12.87 2.08
C LHZ C . -3.08 12.33 4.04
N1 LHZ C . -0.25 13.58 1.72
N LHZ C . 0.00 14.53 3.92
N5 LHZ C . 1.37 15.13 2.14
N7 LHZ C . 2.93 15.94 0.54
C23 LHZ C . 3.06 17.32 1.00
S SO4 D . -3.43 -2.98 -16.77
O1 SO4 D . -4.32 -3.37 -15.67
O2 SO4 D . -3.24 -1.57 -16.86
O3 SO4 D . -2.12 -3.67 -16.67
O4 SO4 D . -4.12 -3.45 -18.02
S SO4 E . -7.76 -20.71 -17.22
O1 SO4 E . -8.62 -21.20 -16.10
O2 SO4 E . -8.46 -19.79 -18.09
O3 SO4 E . -7.38 -21.92 -17.97
O4 SO4 E . -6.60 -20.02 -16.67
C1 EDO F . 11.42 -16.74 -18.32
O1 EDO F . 11.23 -16.83 -19.72
C2 EDO F . 10.29 -17.53 -17.63
O2 EDO F . 10.45 -18.89 -17.98
C1 EDO G . -8.74 -2.45 14.89
O1 EDO G . -9.22 -3.24 15.97
C2 EDO G . -9.74 -2.55 13.71
O2 EDO G . -10.00 -3.90 13.38
C1 EDO H . -19.98 19.82 2.17
O1 EDO H . -20.56 18.52 2.21
C2 EDO H . -20.60 20.69 1.02
O2 EDO H . -20.53 19.97 -0.21
C1 EDO I . 9.30 -15.29 14.96
O1 EDO I . 9.90 -14.30 15.84
C2 EDO I . 8.35 -14.64 13.91
O2 EDO I . 7.22 -15.50 13.61
#